data_6GKI
#
_entry.id   6GKI
#
_cell.length_a   105.290
_cell.length_b   105.290
_cell.length_c   96.410
_cell.angle_alpha   90.000
_cell.angle_beta   90.000
_cell.angle_gamma   120.000
#
_symmetry.space_group_name_H-M   'P 31 2 1'
#
loop_
_entity.id
_entity.type
_entity.pdbx_description
1 polymer 'Probable phospholipid-binding protein MlaC'
2 non-polymer 'BROMIDE ION'
3 non-polymer GLYCEROL
4 water water
#
_entity_poly.entity_id   1
_entity_poly.type   'polypeptide(L)'
_entity_poly.pdbx_seq_one_letter_code
;ADQTNPYKLMDEAAQKTFDRLKNEQPQIRANPDYLRTIVDQELLPYVQVKYAGALVLGQYYKSATPAQREAYFAAFREYL
KQAYGQALAMYHGQTYQIAPEQPLGDKTIVPIRVTIIDPNGRPPVRLDFQWRKNSQTGNWQAYDMIAEGVSMITTKQNEW
GTLLRTKGIDGLTAQLKSISQQKITLEEKKLEHHHHHH
;
_entity_poly.pdbx_strand_id   A,B
#
loop_
_chem_comp.id
_chem_comp.type
_chem_comp.name
_chem_comp.formula
BR non-polymer 'BROMIDE ION' 'Br -1'
GOL non-polymer GLYCEROL 'C3 H8 O3'
#
# COMPACT_ATOMS: atom_id res chain seq x y z
N ASP A 2 -10.72 -20.28 22.56
CA ASP A 2 -10.42 -21.40 21.58
C ASP A 2 -9.41 -20.91 20.55
N GLN A 3 -8.20 -21.44 20.69
CA GLN A 3 -7.05 -20.96 19.94
C GLN A 3 -7.02 -21.36 18.44
N THR A 4 -7.86 -22.31 18.04
CA THR A 4 -7.83 -22.86 16.68
C THR A 4 -8.78 -22.08 15.81
N ASN A 5 -9.48 -21.08 16.38
CA ASN A 5 -10.41 -20.25 15.60
C ASN A 5 -10.11 -18.75 15.79
N PRO A 6 -9.58 -18.11 14.75
CA PRO A 6 -9.22 -16.68 14.90
C PRO A 6 -10.40 -15.74 15.01
N TYR A 7 -11.59 -16.15 14.60
CA TYR A 7 -12.79 -15.35 14.80
C TYR A 7 -13.17 -15.29 16.24
N LYS A 8 -13.08 -16.41 16.94
CA LYS A 8 -13.31 -16.43 18.38
C LYS A 8 -12.26 -15.61 19.13
N LEU A 9 -11.00 -15.73 18.75
CA LEU A 9 -9.96 -14.96 19.37
C LEU A 9 -10.16 -13.49 19.11
N MET A 10 -10.45 -13.12 17.89
CA MET A 10 -10.68 -11.71 17.56
C MET A 10 -11.81 -11.14 18.41
N ASP A 11 -12.89 -11.90 18.56
CA ASP A 11 -14.04 -11.42 19.35
C ASP A 11 -13.61 -11.14 20.78
N GLU A 12 -12.90 -12.07 21.35
CA GLU A 12 -12.46 -11.95 22.73
C GLU A 12 -11.47 -10.79 22.88
N ALA A 13 -10.54 -10.65 21.93
CA ALA A 13 -9.54 -9.61 22.01
C ALA A 13 -10.13 -8.21 21.84
N ALA A 14 -11.08 -8.10 20.93
CA ALA A 14 -11.82 -6.86 20.76
C ALA A 14 -12.60 -6.52 22.04
N GLN A 15 -13.28 -7.51 22.61
CA GLN A 15 -14.07 -7.27 23.82
C GLN A 15 -13.21 -6.69 24.97
N LYS A 16 -12.08 -7.33 25.23
CA LYS A 16 -11.18 -6.91 26.32
C LYS A 16 -10.52 -5.56 26.06
N THR A 17 -10.09 -5.37 24.83
CA THR A 17 -9.39 -4.16 24.52
C THR A 17 -10.35 -2.99 24.47
N PHE A 18 -11.43 -3.12 23.69
CA PHE A 18 -12.38 -2.01 23.58
C PHE A 18 -13.14 -1.70 24.87
N ASP A 19 -13.42 -2.69 25.73
CA ASP A 19 -14.08 -2.38 27.00
C ASP A 19 -13.17 -1.58 27.92
N ARG A 20 -11.89 -1.88 27.90
CA ARG A 20 -10.97 -1.16 28.72
C ARG A 20 -10.72 0.27 28.20
N LEU A 21 -10.63 0.43 26.88
CA LEU A 21 -10.54 1.79 26.33
C LEU A 21 -11.79 2.61 26.63
N LYS A 22 -12.96 1.98 26.57
CA LYS A 22 -14.22 2.65 26.91
C LYS A 22 -14.30 3.11 28.36
N ASN A 23 -13.89 2.23 29.25
CA ASN A 23 -14.09 2.42 30.67
C ASN A 23 -12.96 3.16 31.36
N GLU A 24 -11.81 3.37 30.71
CA GLU A 24 -10.71 4.09 31.34
C GLU A 24 -10.30 5.38 30.62
N GLN A 25 -11.28 6.04 29.98
CA GLN A 25 -11.10 7.33 29.31
C GLN A 25 -10.52 8.44 30.18
N PRO A 26 -10.92 8.51 31.47
CA PRO A 26 -10.28 9.56 32.29
C PRO A 26 -8.77 9.41 32.38
N GLN A 27 -8.32 8.18 32.58
CA GLN A 27 -6.88 7.93 32.67
C GLN A 27 -6.14 8.19 31.35
N ILE A 28 -6.76 7.77 30.25
CA ILE A 28 -6.25 8.02 28.91
C ILE A 28 -6.16 9.52 28.63
N ARG A 29 -7.20 10.30 28.99
CA ARG A 29 -7.18 11.75 28.75
C ARG A 29 -6.11 12.41 29.59
N ALA A 30 -5.94 11.95 30.83
CA ALA A 30 -4.89 12.49 31.70
C ALA A 30 -3.49 12.10 31.24
N ASN A 31 -3.37 10.99 30.53
CA ASN A 31 -2.07 10.61 30.03
C ASN A 31 -2.20 9.64 28.86
N PRO A 32 -2.18 10.20 27.65
CA PRO A 32 -2.44 9.36 26.50
C PRO A 32 -1.45 8.21 26.33
N ASP A 33 -0.25 8.30 26.94
CA ASP A 33 0.72 7.20 26.85
C ASP A 33 0.28 5.92 27.58
N TYR A 34 -0.65 6.08 28.51
CA TYR A 34 -1.31 4.94 29.15
C TYR A 34 -1.89 3.98 28.15
N LEU A 35 -2.22 4.48 26.95
CA LEU A 35 -2.70 3.61 25.87
C LEU A 35 -1.74 2.46 25.58
N ARG A 36 -0.44 2.69 25.79
CA ARG A 36 0.54 1.61 25.58
C ARG A 36 0.30 0.45 26.53
N THR A 37 -0.05 0.79 27.77
CA THR A 37 -0.29 -0.21 28.78
C THR A 37 -1.53 -1.05 28.45
N ILE A 38 -2.59 -0.39 28.01
CA ILE A 38 -3.82 -1.06 27.65
C ILE A 38 -3.57 -2.02 26.49
N VAL A 39 -2.89 -1.52 25.47
CA VAL A 39 -2.50 -2.33 24.31
C VAL A 39 -1.66 -3.52 24.78
N ASP A 40 -0.64 -3.24 25.58
CA ASP A 40 0.23 -4.29 26.10
C ASP A 40 -0.50 -5.38 26.87
N GLN A 41 -1.42 -4.98 27.74
CA GLN A 41 -2.08 -5.93 28.62
C GLN A 41 -3.28 -6.62 27.98
N GLU A 42 -4.01 -5.96 27.07
CA GLU A 42 -5.23 -6.57 26.54
C GLU A 42 -5.03 -7.19 25.16
N LEU A 43 -4.26 -6.50 24.32
CA LEU A 43 -4.16 -6.87 22.91
C LEU A 43 -2.89 -7.65 22.54
N LEU A 44 -1.73 -7.25 23.02
CA LEU A 44 -0.51 -7.97 22.64
C LEU A 44 -0.42 -9.44 23.03
N PRO A 45 -1.17 -9.89 24.03
CA PRO A 45 -1.15 -11.34 24.22
C PRO A 45 -1.72 -12.14 23.03
N TYR A 46 -2.51 -11.53 22.17
CA TYR A 46 -3.02 -12.19 20.97
C TYR A 46 -2.14 -11.94 19.73
N VAL A 47 -1.10 -11.11 19.88
CA VAL A 47 -0.23 -10.74 18.79
C VAL A 47 1.08 -11.53 18.80
N GLN A 48 1.43 -12.14 17.68
CA GLN A 48 2.75 -12.84 17.55
C GLN A 48 3.77 -11.78 17.17
N VAL A 49 4.35 -11.19 18.21
CA VAL A 49 5.25 -10.05 18.09
C VAL A 49 6.50 -10.38 17.28
N LYS A 50 7.06 -11.55 17.49
CA LYS A 50 8.26 -11.96 16.75
C LYS A 50 8.01 -12.22 15.28
N TYR A 51 6.85 -12.80 14.97
CA TYR A 51 6.47 -13.06 13.60
C TYR A 51 6.36 -11.71 12.86
N ALA A 52 5.65 -10.76 13.46
CA ALA A 52 5.54 -9.42 12.89
C ALA A 52 6.93 -8.77 12.75
N GLY A 53 7.77 -8.94 13.75
CA GLY A 53 9.12 -8.37 13.70
C GLY A 53 9.97 -9.00 12.59
N ALA A 54 9.80 -10.30 12.38
CA ALA A 54 10.52 -11.03 11.34
C ALA A 54 10.09 -10.58 9.95
N LEU A 55 8.80 -10.31 9.77
CA LEU A 55 8.35 -9.79 8.48
C LEU A 55 9.02 -8.42 8.17
N VAL A 56 9.13 -7.53 9.16
CA VAL A 56 9.75 -6.24 8.93
C VAL A 56 11.24 -6.39 8.57
N LEU A 57 11.89 -7.37 9.20
CA LEU A 57 13.33 -7.54 9.13
C LEU A 57 13.78 -8.18 7.80
N GLY A 58 12.89 -8.99 7.22
CA GLY A 58 13.14 -9.76 6.03
C GLY A 58 14.48 -10.44 6.00
N GLN A 59 15.21 -10.12 4.95
CA GLN A 59 16.47 -10.84 4.62
C GLN A 59 17.55 -10.55 5.63
N TYR A 60 17.42 -9.48 6.41
CA TYR A 60 18.46 -9.07 7.37
C TYR A 60 18.51 -9.84 8.69
N TYR A 61 17.58 -10.77 8.88
CA TYR A 61 17.44 -11.50 10.13
C TYR A 61 18.53 -12.53 10.31
N LYS A 62 18.68 -13.33 9.29
CA LYS A 62 19.58 -14.46 9.32
C LYS A 62 21.00 -14.05 9.65
N SER A 63 21.50 -12.96 9.11
CA SER A 63 22.89 -12.53 9.32
C SER A 63 23.09 -11.72 10.59
N ALA A 64 22.00 -11.25 11.18
CA ALA A 64 22.08 -10.57 12.45
C ALA A 64 22.59 -11.52 13.56
N THR A 65 23.38 -10.92 14.41
CA THR A 65 23.92 -11.50 15.61
C THR A 65 22.77 -11.75 16.66
N PRO A 66 22.95 -12.72 17.57
CA PRO A 66 22.00 -12.92 18.68
C PRO A 66 21.68 -11.67 19.50
N ALA A 67 22.70 -10.87 19.79
CA ALA A 67 22.52 -9.62 20.53
C ALA A 67 21.75 -8.62 19.69
N GLN A 68 22.10 -8.47 18.44
CA GLN A 68 21.35 -7.56 17.57
C GLN A 68 19.90 -7.99 17.47
N ARG A 69 19.65 -9.29 17.40
CA ARG A 69 18.29 -9.76 17.29
C ARG A 69 17.49 -9.41 18.52
N GLU A 70 18.10 -9.64 19.67
CA GLU A 70 17.43 -9.44 20.94
C GLU A 70 17.04 -7.95 21.09
N ALA A 71 17.97 -7.06 20.74
CA ALA A 71 17.75 -5.64 20.86
C ALA A 71 16.69 -5.19 19.87
N TYR A 72 16.68 -5.81 18.69
CA TYR A 72 15.71 -5.50 17.66
C TYR A 72 14.28 -5.85 18.10
N PHE A 73 14.12 -7.09 18.59
CA PHE A 73 12.81 -7.57 19.00
C PHE A 73 12.28 -6.78 20.21
N ALA A 74 13.13 -6.43 21.12
CA ALA A 74 12.68 -5.64 22.25
C ALA A 74 12.22 -4.26 21.78
N ALA A 75 12.99 -3.62 20.88
CA ALA A 75 12.56 -2.32 20.32
C ALA A 75 11.27 -2.44 19.49
N PHE A 76 11.10 -3.57 18.80
CA PHE A 76 9.96 -3.73 17.95
C PHE A 76 8.67 -3.84 18.78
N ARG A 77 8.75 -4.53 19.91
CA ARG A 77 7.66 -4.69 20.80
C ARG A 77 7.26 -3.31 21.40
N GLU A 78 8.24 -2.49 21.76
CA GLU A 78 7.94 -1.14 22.21
C GLU A 78 7.27 -0.32 21.09
N TYR A 79 7.77 -0.50 19.87
CA TYR A 79 7.17 0.19 18.73
C TYR A 79 5.71 -0.25 18.54
N LEU A 80 5.42 -1.55 18.68
CA LEU A 80 4.05 -2.01 18.53
C LEU A 80 3.12 -1.42 19.59
N LYS A 81 3.62 -1.22 20.80
CA LYS A 81 2.79 -0.60 21.83
C LYS A 81 2.43 0.82 21.45
N GLN A 82 3.41 1.53 20.93
CA GLN A 82 3.20 2.90 20.52
C GLN A 82 2.25 2.94 19.33
N ALA A 83 2.44 2.07 18.35
CA ALA A 83 1.67 2.14 17.09
C ALA A 83 0.20 1.75 17.29
N TYR A 84 -0.05 0.61 17.89
CA TYR A 84 -1.39 0.20 18.21
C TYR A 84 -2.02 1.18 19.19
N GLY A 85 -1.24 1.72 20.11
CA GLY A 85 -1.77 2.69 21.03
C GLY A 85 -2.24 3.93 20.31
N GLN A 86 -1.44 4.42 19.37
CA GLN A 86 -1.78 5.62 18.64
C GLN A 86 -2.98 5.38 17.72
N ALA A 87 -3.01 4.24 17.08
CA ALA A 87 -4.09 3.89 16.18
C ALA A 87 -5.42 3.70 16.92
N LEU A 88 -5.39 3.17 18.13
CA LEU A 88 -6.62 2.95 18.89
C LEU A 88 -7.01 4.16 19.72
N ALA A 89 -6.24 5.24 19.69
CA ALA A 89 -6.57 6.42 20.51
C ALA A 89 -7.94 7.02 20.15
N MET A 90 -8.37 6.82 18.91
CA MET A 90 -9.64 7.28 18.40
C MET A 90 -10.84 6.49 18.97
N TYR A 91 -10.58 5.32 19.55
CA TYR A 91 -11.63 4.54 20.17
C TYR A 91 -11.88 4.98 21.60
N HIS A 92 -13.10 5.44 21.88
CA HIS A 92 -13.51 5.90 23.23
C HIS A 92 -14.87 5.31 23.69
N GLY A 93 -15.29 4.19 23.12
CA GLY A 93 -16.50 3.53 23.55
C GLY A 93 -17.51 3.33 22.44
N GLN A 94 -17.21 3.75 21.23
CA GLN A 94 -18.05 3.43 20.09
C GLN A 94 -18.49 1.97 20.03
N THR A 95 -19.67 1.80 19.43
CA THR A 95 -20.16 0.49 19.01
C THR A 95 -19.24 -0.03 17.89
N TYR A 96 -19.03 -1.33 17.87
CA TYR A 96 -18.22 -1.96 16.82
C TYR A 96 -18.85 -3.24 16.31
N GLN A 97 -18.49 -3.66 15.10
CA GLN A 97 -19.05 -4.88 14.51
C GLN A 97 -17.83 -5.64 14.02
N ILE A 98 -17.82 -6.94 14.20
CA ILE A 98 -16.73 -7.79 13.78
C ILE A 98 -17.24 -8.68 12.68
N ALA A 99 -16.50 -8.82 11.61
CA ALA A 99 -16.93 -9.67 10.50
C ALA A 99 -17.26 -11.10 11.02
N PRO A 100 -18.35 -11.68 10.51
CA PRO A 100 -18.72 -13.03 10.97
C PRO A 100 -17.76 -14.13 10.48
N GLU A 101 -17.62 -15.15 11.33
CA GLU A 101 -16.89 -16.38 11.01
C GLU A 101 -17.22 -16.99 9.65
N GLN A 102 -16.19 -17.32 8.89
CA GLN A 102 -16.27 -17.88 7.53
C GLN A 102 -15.51 -19.20 7.55
N PRO A 103 -15.70 -20.03 6.52
CA PRO A 103 -14.93 -21.25 6.52
C PRO A 103 -13.45 -20.99 6.48
N LEU A 104 -12.72 -21.68 7.34
CA LEU A 104 -11.28 -21.60 7.38
C LEU A 104 -10.57 -22.53 6.41
N GLY A 105 -11.13 -23.72 6.15
CA GLY A 105 -10.52 -24.69 5.25
C GLY A 105 -9.08 -24.93 5.62
N ASP A 106 -8.21 -24.89 4.62
CA ASP A 106 -6.79 -25.06 4.82
C ASP A 106 -6.00 -23.73 4.90
N LYS A 107 -6.69 -22.61 5.03
CA LYS A 107 -6.05 -21.32 5.12
C LYS A 107 -5.17 -21.13 6.32
N THR A 108 -4.09 -20.40 6.12
CA THR A 108 -3.13 -20.08 7.15
C THR A 108 -3.00 -18.59 7.35
N ILE A 109 -3.70 -17.78 6.54
CA ILE A 109 -3.75 -16.34 6.75
C ILE A 109 -5.18 -15.93 6.59
N VAL A 110 -5.69 -15.15 7.52
CA VAL A 110 -7.07 -14.72 7.48
C VAL A 110 -7.16 -13.28 7.99
N PRO A 111 -7.74 -12.38 7.16
CA PRO A 111 -8.04 -11.02 7.58
C PRO A 111 -9.43 -10.97 8.19
N ILE A 112 -9.58 -10.22 9.27
CA ILE A 112 -10.89 -10.06 9.92
C ILE A 112 -11.17 -8.61 10.21
N ARG A 113 -12.23 -8.08 9.60
CA ARG A 113 -12.54 -6.65 9.71
C ARG A 113 -13.31 -6.34 11.00
N VAL A 114 -12.83 -5.38 11.76
CA VAL A 114 -13.58 -4.79 12.84
C VAL A 114 -13.95 -3.40 12.39
N THR A 115 -15.24 -3.10 12.43
CA THR A 115 -15.75 -1.79 12.04
C THR A 115 -16.19 -1.01 13.27
N ILE A 116 -15.61 0.19 13.44
CA ILE A 116 -15.97 1.08 14.53
C ILE A 116 -17.08 1.99 13.98
N ILE A 117 -18.25 1.96 14.62
CA ILE A 117 -19.44 2.71 14.19
C ILE A 117 -19.45 4.10 14.82
N ASP A 118 -19.72 5.13 14.03
CA ASP A 118 -19.83 6.47 14.57
C ASP A 118 -21.23 6.72 15.17
N PRO A 119 -21.31 7.36 16.36
CA PRO A 119 -22.65 7.52 16.98
C PRO A 119 -23.60 8.44 16.24
N ASN A 120 -23.06 9.33 15.41
CA ASN A 120 -23.87 10.28 14.66
C ASN A 120 -24.14 9.94 13.24
N GLY A 121 -23.79 8.77 12.79
CA GLY A 121 -24.02 8.38 11.41
C GLY A 121 -22.97 8.87 10.41
N ARG A 122 -21.82 9.30 10.89
CA ARG A 122 -20.65 9.52 10.03
C ARG A 122 -20.15 8.15 9.55
N PRO A 123 -19.28 8.12 8.53
CA PRO A 123 -18.83 6.82 8.06
C PRO A 123 -17.93 6.11 9.05
N PRO A 124 -17.99 4.79 9.02
CA PRO A 124 -17.24 3.95 9.96
C PRO A 124 -15.75 3.99 9.72
N VAL A 125 -15.00 3.45 10.64
CA VAL A 125 -13.58 3.28 10.53
C VAL A 125 -13.33 1.76 10.55
N ARG A 126 -12.59 1.28 9.56
CA ARG A 126 -12.31 -0.14 9.41
C ARG A 126 -10.91 -0.49 9.91
N LEU A 127 -10.83 -1.45 10.80
CA LEU A 127 -9.58 -2.02 11.28
C LEU A 127 -9.50 -3.45 10.79
N ASP A 128 -8.58 -3.75 9.88
CA ASP A 128 -8.45 -5.10 9.36
C ASP A 128 -7.32 -5.83 10.08
N PHE A 129 -7.71 -6.74 10.97
CA PHE A 129 -6.75 -7.48 11.74
C PHE A 129 -6.27 -8.68 10.89
N GLN A 130 -4.95 -8.94 10.91
CA GLN A 130 -4.40 -10.01 10.09
C GLN A 130 -4.04 -11.17 10.99
N TRP A 131 -4.58 -12.36 10.73
CA TRP A 131 -4.34 -13.52 11.60
C TRP A 131 -3.53 -14.57 10.86
N ARG A 132 -2.58 -15.19 11.54
CA ARG A 132 -1.91 -16.32 10.97
C ARG A 132 -1.97 -17.59 11.83
N LYS A 133 -2.03 -18.71 11.14
CA LYS A 133 -2.04 -20.03 11.74
C LYS A 133 -0.65 -20.58 11.89
N ASN A 134 -0.36 -21.15 13.03
CA ASN A 134 0.78 -22.04 13.17
C ASN A 134 0.33 -23.42 12.71
N SER A 135 0.81 -23.86 11.56
CA SER A 135 0.37 -25.13 10.99
C SER A 135 0.76 -26.36 11.81
N GLN A 136 1.76 -26.28 12.67
CA GLN A 136 2.06 -27.43 13.52
C GLN A 136 0.99 -27.57 14.60
N THR A 137 0.69 -26.50 15.31
CA THR A 137 -0.22 -26.55 16.46
C THR A 137 -1.69 -26.32 16.16
N GLY A 138 -2.02 -25.66 15.05
CA GLY A 138 -3.40 -25.34 14.68
C GLY A 138 -3.85 -24.03 15.28
N ASN A 139 -2.96 -23.32 15.97
CA ASN A 139 -3.35 -22.11 16.73
C ASN A 139 -3.11 -20.85 15.96
N TRP A 140 -3.88 -19.81 16.27
CA TRP A 140 -3.84 -18.61 15.48
C TRP A 140 -3.41 -17.45 16.34
N GLN A 141 -2.75 -16.47 15.75
CA GLN A 141 -2.41 -15.21 16.37
C GLN A 141 -2.46 -14.11 15.36
N ALA A 142 -2.72 -12.90 15.85
CA ALA A 142 -2.69 -11.70 15.00
C ALA A 142 -1.25 -11.24 14.81
N TYR A 143 -0.97 -10.62 13.68
CA TYR A 143 0.37 -10.04 13.46
C TYR A 143 0.35 -8.66 12.87
N ASP A 144 -0.84 -8.14 12.51
CA ASP A 144 -0.99 -6.80 12.00
C ASP A 144 -2.41 -6.34 12.19
N MET A 145 -2.59 -5.02 12.16
CA MET A 145 -3.88 -4.39 12.20
C MET A 145 -3.77 -3.25 11.22
N ILE A 146 -4.63 -3.25 10.20
CA ILE A 146 -4.52 -2.26 9.13
C ILE A 146 -5.70 -1.29 9.26
N ALA A 147 -5.38 -0.05 9.61
CA ALA A 147 -6.38 0.90 10.06
C ALA A 147 -6.68 1.82 8.91
N GLU A 148 -7.81 1.58 8.26
CA GLU A 148 -8.09 2.21 6.99
C GLU A 148 -6.83 2.28 6.09
N GLY A 149 -6.27 1.13 5.79
CA GLY A 149 -5.13 1.09 4.83
C GLY A 149 -3.78 1.36 5.42
N VAL A 150 -3.69 1.67 6.72
CA VAL A 150 -2.39 1.91 7.36
C VAL A 150 -1.96 0.76 8.21
N SER A 151 -0.90 0.12 7.81
CA SER A 151 -0.47 -1.10 8.43
C SER A 151 0.53 -0.73 9.52
N MET A 152 0.52 -1.43 10.64
CA MET A 152 1.53 -1.25 11.70
C MET A 152 2.87 -1.74 11.21
N ILE A 153 2.93 -2.53 10.12
CA ILE A 153 4.24 -3.07 9.74
C ILE A 153 4.75 -2.87 8.33
N THR A 154 3.88 -2.62 7.35
CA THR A 154 4.33 -2.39 5.96
C THR A 154 4.26 -0.96 5.44
N THR A 155 3.54 -0.09 6.14
CA THR A 155 3.44 1.33 5.78
C THR A 155 4.80 2.00 5.58
N LYS A 156 5.78 1.69 6.43
CA LYS A 156 7.13 2.28 6.35
C LYS A 156 8.16 1.34 5.72
N GLN A 157 7.69 0.39 4.96
CA GLN A 157 8.51 -0.63 4.38
C GLN A 157 9.65 -0.06 3.54
N ASN A 158 9.39 0.95 2.72
CA ASN A 158 10.43 1.55 1.87
C ASN A 158 11.49 2.30 2.67
N GLU A 159 11.07 3.12 3.63
CA GLU A 159 12.01 3.85 4.49
C GLU A 159 12.83 2.91 5.39
N TRP A 160 12.18 1.90 5.93
CA TRP A 160 12.88 0.89 6.72
C TRP A 160 13.76 -0.01 5.87
N GLY A 161 13.38 -0.27 4.62
CA GLY A 161 14.23 -0.96 3.68
C GLY A 161 15.53 -0.23 3.39
N THR A 162 15.44 1.07 3.14
CA THR A 162 16.61 1.88 2.89
C THR A 162 17.52 1.98 4.11
N LEU A 163 16.90 2.15 5.26
CA LEU A 163 17.61 2.20 6.53
C LEU A 163 18.35 0.90 6.82
N LEU A 164 17.73 -0.25 6.59
CA LEU A 164 18.41 -1.53 6.75
C LEU A 164 19.57 -1.66 5.81
N ARG A 165 19.38 -1.22 4.58
CA ARG A 165 20.40 -1.33 3.53
C ARG A 165 21.60 -0.41 3.81
N THR A 166 21.36 0.79 4.35
CA THR A 166 22.45 1.72 4.66
C THR A 166 23.03 1.55 6.07
N LYS A 167 22.25 1.12 7.05
CA LYS A 167 22.73 1.03 8.43
C LYS A 167 22.50 -0.31 9.15
N GLY A 168 21.92 -1.27 8.44
CA GLY A 168 21.69 -2.57 9.02
C GLY A 168 20.68 -2.56 10.16
N ILE A 169 20.60 -3.70 10.81
CA ILE A 169 19.59 -3.91 11.80
C ILE A 169 19.72 -2.90 12.95
N ASP A 170 20.95 -2.54 13.31
CA ASP A 170 21.13 -1.54 14.37
C ASP A 170 20.51 -0.19 14.01
N GLY A 171 20.59 0.23 12.74
CA GLY A 171 19.89 1.43 12.26
C GLY A 171 18.39 1.36 12.50
N LEU A 172 17.80 0.24 12.11
CA LEU A 172 16.37 0.08 12.25
C LEU A 172 15.93 0.03 13.74
N THR A 173 16.68 -0.72 14.54
CA THR A 173 16.40 -0.80 15.96
C THR A 173 16.39 0.58 16.61
N ALA A 174 17.38 1.40 16.29
CA ALA A 174 17.45 2.77 16.83
C ALA A 174 16.24 3.58 16.37
N GLN A 175 15.79 3.35 15.14
CA GLN A 175 14.67 4.09 14.64
C GLN A 175 13.36 3.63 15.29
N LEU A 176 13.18 2.32 15.48
CA LEU A 176 12.02 1.80 16.18
C LEU A 176 11.93 2.34 17.62
N LYS A 177 13.07 2.38 18.28
CA LYS A 177 13.16 2.93 19.63
C LYS A 177 12.76 4.42 19.62
N SER A 178 13.31 5.17 18.69
CA SER A 178 12.99 6.57 18.51
C SER A 178 11.48 6.79 18.32
N ILE A 179 10.86 6.03 17.42
CA ILE A 179 9.42 6.14 17.16
C ILE A 179 8.61 5.75 18.43
N SER A 180 9.03 4.69 19.12
CA SER A 180 8.34 4.27 20.31
C SER A 180 8.37 5.36 21.42
N GLN A 181 9.31 6.28 21.38
CA GLN A 181 9.38 7.34 22.37
C GLN A 181 8.56 8.59 22.01
N GLN A 182 7.88 8.59 20.87
CA GLN A 182 6.96 9.67 20.53
C GLN A 182 5.68 9.62 21.37
N LYS A 183 5.33 10.75 21.97
CA LYS A 183 4.12 10.85 22.76
C LYS A 183 2.90 10.54 21.89
N ILE A 184 2.10 9.62 22.35
CA ILE A 184 0.80 9.40 21.76
C ILE A 184 -0.06 10.66 21.97
N THR A 185 -0.76 11.10 20.94
CA THR A 185 -1.66 12.25 21.07
C THR A 185 -3.09 11.86 20.79
N LEU A 186 -4.02 12.67 21.28
CA LEU A 186 -5.43 12.63 20.92
C LEU A 186 -5.83 13.90 20.19
N GLN B 3 0.91 21.64 -8.00
CA GLN B 3 1.78 21.54 -6.80
C GLN B 3 3.05 20.64 -6.99
N THR B 4 4.23 21.22 -6.78
CA THR B 4 5.56 20.57 -6.88
C THR B 4 5.79 19.19 -6.21
N ASN B 5 5.55 19.07 -4.90
CA ASN B 5 5.70 17.86 -4.06
C ASN B 5 4.99 16.59 -4.56
N PRO B 6 5.69 15.44 -4.69
CA PRO B 6 5.06 14.25 -5.30
C PRO B 6 3.94 13.61 -4.49
N TYR B 7 3.93 13.81 -3.18
CA TYR B 7 2.81 13.32 -2.35
C TYR B 7 1.52 14.09 -2.64
N LYS B 8 1.66 15.40 -2.77
CA LYS B 8 0.53 16.25 -3.09
C LYS B 8 0.02 15.97 -4.49
N LEU B 9 0.90 15.72 -5.46
CA LEU B 9 0.42 15.41 -6.80
C LEU B 9 -0.40 14.13 -6.80
N MET B 10 0.13 13.08 -6.16
CA MET B 10 -0.59 11.83 -6.05
C MET B 10 -2.00 12.04 -5.52
N ASP B 11 -2.07 12.73 -4.40
CA ASP B 11 -3.34 12.97 -3.71
C ASP B 11 -4.32 13.65 -4.61
N GLU B 12 -3.87 14.72 -5.26
N GLU B 12 -3.87 14.74 -5.25
CA GLU B 12 -4.76 15.51 -6.10
CA GLU B 12 -4.72 15.52 -6.13
C GLU B 12 -5.21 14.71 -7.31
C GLU B 12 -5.21 14.72 -7.32
N ALA B 13 -4.30 13.98 -7.94
CA ALA B 13 -4.64 13.22 -9.12
C ALA B 13 -5.59 12.06 -8.82
N ALA B 14 -5.35 11.38 -7.70
CA ALA B 14 -6.27 10.35 -7.22
C ALA B 14 -7.66 10.96 -6.92
N GLN B 15 -7.69 12.09 -6.24
CA GLN B 15 -8.96 12.71 -5.84
C GLN B 15 -9.83 13.02 -7.08
N LYS B 16 -9.21 13.63 -8.09
CA LYS B 16 -9.93 14.01 -9.29
C LYS B 16 -10.37 12.82 -10.13
N THR B 17 -9.49 11.82 -10.22
CA THR B 17 -9.77 10.61 -10.93
C THR B 17 -10.93 9.88 -10.27
N PHE B 18 -10.86 9.68 -8.95
CA PHE B 18 -11.93 8.99 -8.25
C PHE B 18 -13.24 9.76 -8.19
N ASP B 19 -13.19 11.09 -8.11
CA ASP B 19 -14.38 11.93 -8.13
C ASP B 19 -15.13 11.77 -9.44
N ARG B 20 -14.38 11.73 -10.53
CA ARG B 20 -14.99 11.61 -11.82
C ARG B 20 -15.54 10.20 -12.05
N LEU B 21 -14.76 9.22 -11.67
CA LEU B 21 -15.15 7.82 -11.75
C LEU B 21 -16.43 7.50 -10.95
N LYS B 22 -16.52 8.02 -9.74
CA LYS B 22 -17.64 7.70 -8.86
C LYS B 22 -18.87 8.46 -9.27
N ASN B 23 -18.71 9.70 -9.71
CA ASN B 23 -19.85 10.52 -10.06
C ASN B 23 -20.32 10.38 -11.50
N GLU B 24 -19.53 9.78 -12.37
CA GLU B 24 -19.81 9.78 -13.81
C GLU B 24 -19.91 8.36 -14.39
N GLN B 25 -20.44 7.45 -13.59
CA GLN B 25 -20.74 6.08 -14.03
C GLN B 25 -21.73 6.03 -15.22
N PRO B 26 -22.72 6.92 -15.29
CA PRO B 26 -23.58 6.88 -16.49
C PRO B 26 -22.80 7.11 -17.77
N GLN B 27 -21.92 8.08 -17.78
CA GLN B 27 -21.08 8.35 -18.95
C GLN B 27 -20.15 7.17 -19.29
N ILE B 28 -19.53 6.60 -18.26
CA ILE B 28 -18.65 5.45 -18.40
C ILE B 28 -19.43 4.23 -18.92
N ARG B 29 -20.64 3.98 -18.41
CA ARG B 29 -21.46 2.84 -18.89
C ARG B 29 -21.85 3.06 -20.34
N ALA B 30 -22.19 4.29 -20.70
CA ALA B 30 -22.55 4.63 -22.08
C ALA B 30 -21.35 4.57 -23.01
N ASN B 31 -20.15 4.73 -22.48
CA ASN B 31 -18.97 4.62 -23.32
C ASN B 31 -17.71 4.38 -22.48
N PRO B 32 -17.37 3.10 -22.31
CA PRO B 32 -16.28 2.78 -21.43
C PRO B 32 -14.94 3.40 -21.85
N ASP B 33 -14.80 3.79 -23.14
CA ASP B 33 -13.55 4.37 -23.61
C ASP B 33 -13.36 5.81 -23.09
N TYR B 34 -14.42 6.43 -22.57
CA TYR B 34 -14.32 7.66 -21.79
C TYR B 34 -13.29 7.53 -20.64
N LEU B 35 -13.07 6.32 -20.17
CA LEU B 35 -12.10 6.10 -19.13
C LEU B 35 -10.67 6.45 -19.60
N ARG B 36 -10.40 6.30 -20.90
CA ARG B 36 -9.12 6.76 -21.46
C ARG B 36 -9.00 8.29 -21.32
N THR B 37 -10.10 9.00 -21.46
CA THR B 37 -10.09 10.44 -21.32
C THR B 37 -9.75 10.87 -19.91
N ILE B 38 -10.34 10.20 -18.93
CA ILE B 38 -10.09 10.49 -17.53
C ILE B 38 -8.62 10.21 -17.20
N VAL B 39 -8.11 9.07 -17.66
CA VAL B 39 -6.72 8.71 -17.51
C VAL B 39 -5.84 9.81 -18.16
N ASP B 40 -6.15 10.15 -19.41
CA ASP B 40 -5.41 11.19 -20.13
C ASP B 40 -5.40 12.53 -19.43
N GLN B 41 -6.54 12.95 -18.89
CA GLN B 41 -6.67 14.25 -18.29
C GLN B 41 -6.17 14.28 -16.85
N GLU B 42 -6.35 13.23 -16.07
CA GLU B 42 -6.11 13.33 -14.61
C GLU B 42 -4.80 12.64 -14.19
N LEU B 43 -4.36 11.64 -14.96
CA LEU B 43 -3.16 10.86 -14.58
C LEU B 43 -1.94 11.15 -15.44
N LEU B 44 -2.08 11.05 -16.75
CA LEU B 44 -0.92 11.17 -17.63
C LEU B 44 -0.12 12.47 -17.58
N PRO B 45 -0.73 13.59 -17.16
CA PRO B 45 0.15 14.76 -17.07
C PRO B 45 1.24 14.62 -15.98
N TYR B 46 1.05 13.70 -15.04
CA TYR B 46 1.96 13.52 -13.96
C TYR B 46 2.83 12.26 -14.18
N VAL B 47 2.68 11.63 -15.35
CA VAL B 47 3.45 10.45 -15.72
C VAL B 47 4.54 10.84 -16.74
N GLN B 48 5.78 10.44 -16.47
CA GLN B 48 6.86 10.66 -17.44
C GLN B 48 6.86 9.51 -18.45
N VAL B 49 5.95 9.60 -19.41
CA VAL B 49 5.64 8.53 -20.33
C VAL B 49 6.82 8.09 -21.16
N LYS B 50 7.60 9.04 -21.65
CA LYS B 50 8.75 8.75 -22.50
C LYS B 50 9.88 8.10 -21.73
N TYR B 51 10.08 8.57 -20.50
CA TYR B 51 11.12 8.03 -19.68
C TYR B 51 10.81 6.55 -19.37
N ALA B 52 9.57 6.29 -18.97
CA ALA B 52 9.12 4.92 -18.73
C ALA B 52 9.26 4.09 -20.00
N GLY B 53 8.83 4.66 -21.12
CA GLY B 53 8.88 3.94 -22.38
C GLY B 53 10.32 3.60 -22.80
N ALA B 54 11.24 4.52 -22.54
CA ALA B 54 12.65 4.32 -22.89
C ALA B 54 13.28 3.22 -22.04
N LEU B 55 12.94 3.21 -20.75
CA LEU B 55 13.38 2.10 -19.89
C LEU B 55 12.85 0.75 -20.37
N VAL B 56 11.59 0.66 -20.81
CA VAL B 56 11.07 -0.62 -21.31
C VAL B 56 11.87 -1.11 -22.53
N LEU B 57 12.32 -0.19 -23.38
CA LEU B 57 13.09 -0.57 -24.56
C LEU B 57 14.52 -0.97 -24.24
N GLY B 58 15.09 -0.46 -23.14
CA GLY B 58 16.47 -0.79 -22.74
C GLY B 58 17.44 -0.48 -23.86
N GLN B 59 18.22 -1.46 -24.27
CA GLN B 59 19.25 -1.26 -25.30
C GLN B 59 18.67 -0.88 -26.66
N TYR B 60 17.40 -1.16 -26.91
CA TYR B 60 16.77 -0.85 -28.23
C TYR B 60 16.39 0.61 -28.42
N TYR B 61 16.52 1.44 -27.39
CA TYR B 61 16.21 2.86 -27.49
C TYR B 61 17.34 3.58 -28.25
N LYS B 62 18.57 3.31 -27.81
CA LYS B 62 19.73 3.97 -28.36
C LYS B 62 19.81 3.86 -29.88
N SER B 63 19.53 2.67 -30.41
CA SER B 63 19.68 2.42 -31.86
C SER B 63 18.48 2.82 -32.67
N ALA B 64 17.36 3.09 -32.00
CA ALA B 64 16.16 3.53 -32.70
C ALA B 64 16.37 4.91 -33.26
N THR B 65 15.87 5.12 -34.47
CA THR B 65 15.93 6.42 -35.08
C THR B 65 14.94 7.40 -34.40
N PRO B 66 15.14 8.71 -34.59
CA PRO B 66 14.16 9.69 -34.10
C PRO B 66 12.69 9.42 -34.56
N ALA B 67 12.50 9.00 -35.81
CA ALA B 67 11.19 8.65 -36.34
C ALA B 67 10.63 7.41 -35.61
N GLN B 68 11.46 6.39 -35.46
CA GLN B 68 11.01 5.21 -34.76
C GLN B 68 10.63 5.54 -33.31
N ARG B 69 11.41 6.40 -32.69
CA ARG B 69 11.17 6.77 -31.32
C ARG B 69 9.83 7.46 -31.20
N GLU B 70 9.58 8.40 -32.11
CA GLU B 70 8.37 9.18 -32.08
C GLU B 70 7.14 8.29 -32.20
N ALA B 71 7.17 7.35 -33.14
CA ALA B 71 6.05 6.44 -33.39
C ALA B 71 5.86 5.52 -32.19
N TYR B 72 6.98 5.11 -31.58
CA TYR B 72 6.94 4.24 -30.41
C TYR B 72 6.27 4.93 -29.20
N PHE B 73 6.72 6.15 -28.91
CA PHE B 73 6.20 6.89 -27.77
C PHE B 73 4.74 7.23 -27.95
N ALA B 74 4.32 7.58 -29.16
CA ALA B 74 2.91 7.85 -29.40
C ALA B 74 2.07 6.56 -29.14
N ALA B 75 2.54 5.41 -29.63
CA ALA B 75 1.83 4.14 -29.39
C ALA B 75 1.85 3.73 -27.90
N PHE B 76 2.95 4.02 -27.23
CA PHE B 76 3.10 3.63 -25.82
C PHE B 76 2.15 4.43 -24.93
N ARG B 77 1.96 5.70 -25.27
CA ARG B 77 1.05 6.56 -24.58
C ARG B 77 -0.38 6.08 -24.75
N GLU B 78 -0.75 5.70 -25.97
CA GLU B 78 -2.09 5.15 -26.18
C GLU B 78 -2.24 3.83 -25.43
N TYR B 79 -1.19 3.03 -25.37
CA TYR B 79 -1.25 1.78 -24.63
C TYR B 79 -1.49 2.06 -23.11
N LEU B 80 -0.82 3.06 -22.56
CA LEU B 80 -1.04 3.39 -21.17
C LEU B 80 -2.47 3.84 -20.90
N LYS B 81 -3.05 4.60 -21.85
CA LYS B 81 -4.45 5.03 -21.70
C LYS B 81 -5.38 3.82 -21.65
N GLN B 82 -5.11 2.83 -22.50
CA GLN B 82 -5.99 1.71 -22.60
C GLN B 82 -5.85 0.88 -21.34
N ALA B 83 -4.61 0.67 -20.88
CA ALA B 83 -4.38 -0.24 -19.74
C ALA B 83 -4.90 0.34 -18.42
N TYR B 84 -4.56 1.58 -18.14
CA TYR B 84 -5.08 2.21 -16.94
C TYR B 84 -6.58 2.44 -17.04
N GLY B 85 -7.06 2.68 -18.23
CA GLY B 85 -8.51 2.80 -18.43
C GLY B 85 -9.21 1.51 -18.06
N GLN B 86 -8.64 0.39 -18.50
CA GLN B 86 -9.21 -0.93 -18.23
C GLN B 86 -9.16 -1.26 -16.75
N ALA B 87 -8.05 -0.93 -16.09
CA ALA B 87 -7.95 -1.08 -14.63
C ALA B 87 -9.02 -0.27 -13.87
N LEU B 88 -9.24 0.98 -14.25
CA LEU B 88 -10.33 1.77 -13.65
C LEU B 88 -11.75 1.25 -13.88
N ALA B 89 -11.96 0.57 -14.99
CA ALA B 89 -13.25 -0.04 -15.28
C ALA B 89 -13.57 -1.17 -14.27
N MET B 90 -12.54 -1.65 -13.57
CA MET B 90 -12.71 -2.63 -12.51
C MET B 90 -13.25 -2.04 -11.21
N TYR B 91 -13.39 -0.72 -11.09
CA TYR B 91 -13.90 -0.13 -9.84
C TYR B 91 -15.28 -0.67 -9.40
N HIS B 92 -15.39 -1.16 -8.17
CA HIS B 92 -16.63 -1.68 -7.59
C HIS B 92 -16.84 -1.23 -6.14
N GLY B 93 -16.33 -0.06 -5.79
CA GLY B 93 -16.57 0.54 -4.47
C GLY B 93 -15.35 0.62 -3.55
N GLN B 94 -14.18 0.33 -4.10
CA GLN B 94 -12.98 0.33 -3.29
C GLN B 94 -12.67 1.74 -2.86
N THR B 95 -11.99 1.82 -1.74
CA THR B 95 -11.47 3.03 -1.19
C THR B 95 -9.97 2.96 -1.44
N TYR B 96 -9.28 4.09 -1.40
CA TYR B 96 -7.81 4.11 -1.52
C TYR B 96 -7.20 4.91 -0.36
N GLN B 97 -5.98 4.59 -0.01
CA GLN B 97 -5.28 5.35 1.04
C GLN B 97 -3.91 5.59 0.43
N ILE B 98 -3.38 6.78 0.61
N ILE B 98 -3.42 6.82 0.52
CA ILE B 98 -2.07 7.11 0.10
CA ILE B 98 -2.07 7.14 0.11
C ILE B 98 -1.14 7.30 1.28
C ILE B 98 -1.18 7.19 1.34
N ALA B 99 0.06 6.76 1.18
CA ALA B 99 1.04 6.90 2.23
C ALA B 99 1.19 8.38 2.66
N PRO B 100 1.35 8.63 3.97
CA PRO B 100 1.58 9.97 4.45
C PRO B 100 2.94 10.58 4.04
N GLU B 101 2.87 11.87 3.74
CA GLU B 101 3.98 12.65 3.22
C GLU B 101 5.22 12.60 4.13
N GLN B 102 6.39 12.44 3.53
CA GLN B 102 7.67 12.48 4.23
C GLN B 102 8.48 13.70 3.79
N PRO B 103 9.42 14.11 4.65
CA PRO B 103 10.45 15.00 4.18
C PRO B 103 11.16 14.41 2.95
N LEU B 104 11.34 15.23 1.94
CA LEU B 104 12.02 14.84 0.72
C LEU B 104 13.55 14.98 0.81
N GLY B 105 14.05 15.93 1.61
CA GLY B 105 15.48 16.20 1.68
C GLY B 105 16.03 16.43 0.29
N ASP B 106 17.13 15.78 -0.04
CA ASP B 106 17.72 15.92 -1.39
C ASP B 106 17.44 14.71 -2.29
N LYS B 107 16.38 13.97 -1.99
CA LYS B 107 16.10 12.74 -2.74
C LYS B 107 15.70 13.02 -4.19
N THR B 108 16.05 12.10 -5.10
N THR B 108 16.11 12.08 -5.05
CA THR B 108 15.65 12.24 -6.50
CA THR B 108 15.86 12.11 -6.50
C THR B 108 14.68 11.16 -6.96
C THR B 108 14.72 11.17 -6.92
N ILE B 109 14.50 10.12 -6.13
CA ILE B 109 13.53 9.08 -6.41
C ILE B 109 12.76 8.88 -5.13
N VAL B 110 11.45 8.74 -5.26
CA VAL B 110 10.58 8.55 -4.11
C VAL B 110 9.50 7.55 -4.49
N PRO B 111 9.38 6.44 -3.74
CA PRO B 111 8.28 5.51 -3.91
C PRO B 111 7.12 5.92 -3.03
N ILE B 112 5.89 5.81 -3.50
CA ILE B 112 4.71 6.22 -2.72
C ILE B 112 3.62 5.20 -2.85
N ARG B 113 3.29 4.59 -1.72
CA ARG B 113 2.32 3.52 -1.67
C ARG B 113 0.88 4.01 -1.73
N VAL B 114 0.09 3.47 -2.67
N VAL B 114 0.12 3.49 -2.70
CA VAL B 114 -1.34 3.55 -2.57
CA VAL B 114 -1.33 3.51 -2.66
C VAL B 114 -1.86 2.19 -2.23
C VAL B 114 -1.78 2.16 -2.15
N THR B 115 -2.70 2.15 -1.19
CA THR B 115 -3.40 0.94 -0.78
C THR B 115 -4.86 0.98 -1.23
N ILE B 116 -5.28 -0.05 -1.97
CA ILE B 116 -6.67 -0.18 -2.37
C ILE B 116 -7.33 -1.05 -1.31
N ILE B 117 -8.32 -0.50 -0.60
CA ILE B 117 -9.06 -1.25 0.44
C ILE B 117 -10.37 -1.77 -0.15
N ASP B 118 -10.62 -3.04 0.01
CA ASP B 118 -11.80 -3.65 -0.61
C ASP B 118 -13.01 -3.53 0.30
N PRO B 119 -14.20 -3.22 -0.25
CA PRO B 119 -15.37 -3.05 0.67
C PRO B 119 -15.90 -4.30 1.27
N ASN B 120 -15.51 -5.45 0.76
CA ASN B 120 -15.99 -6.75 1.31
C ASN B 120 -15.01 -7.43 2.22
N GLY B 121 -13.85 -6.82 2.48
CA GLY B 121 -12.85 -7.49 3.28
C GLY B 121 -12.00 -8.48 2.50
N ARG B 122 -12.01 -8.41 1.16
CA ARG B 122 -10.99 -9.09 0.36
C ARG B 122 -9.64 -8.46 0.69
N PRO B 123 -8.53 -9.17 0.48
CA PRO B 123 -7.24 -8.58 0.86
C PRO B 123 -6.90 -7.32 0.07
N PRO B 124 -6.16 -6.41 0.72
CA PRO B 124 -5.81 -5.11 0.11
C PRO B 124 -4.86 -5.29 -1.05
N VAL B 125 -4.77 -4.30 -1.91
CA VAL B 125 -3.87 -4.33 -3.03
C VAL B 125 -2.92 -3.16 -2.80
N ARG B 126 -1.62 -3.43 -2.75
CA ARG B 126 -0.62 -2.40 -2.51
C ARG B 126 0.11 -2.05 -3.79
N LEU B 127 0.04 -0.78 -4.19
CA LEU B 127 0.66 -0.33 -5.38
C LEU B 127 1.70 0.71 -5.05
N ASP B 128 2.96 0.48 -5.43
CA ASP B 128 3.98 1.52 -5.22
C ASP B 128 4.25 2.33 -6.47
N PHE B 129 3.92 3.60 -6.44
CA PHE B 129 4.20 4.48 -7.57
C PHE B 129 5.58 5.07 -7.43
N GLN B 130 6.42 5.00 -8.47
CA GLN B 130 7.79 5.51 -8.38
C GLN B 130 7.87 6.92 -8.96
N TRP B 131 8.36 7.88 -8.18
CA TRP B 131 8.37 9.27 -8.58
C TRP B 131 9.81 9.74 -8.75
N ARG B 132 10.07 10.53 -9.79
CA ARG B 132 11.39 11.12 -9.91
C ARG B 132 11.31 12.61 -10.16
N LYS B 133 12.31 13.30 -9.65
CA LYS B 133 12.44 14.73 -9.83
C LYS B 133 13.24 15.01 -11.11
N ASN B 134 12.67 15.77 -12.04
CA ASN B 134 13.43 16.18 -13.21
C ASN B 134 14.14 17.50 -12.81
N SER B 135 15.46 17.40 -12.73
CA SER B 135 16.29 18.43 -12.11
C SER B 135 16.32 19.76 -12.85
N GLN B 136 15.99 19.79 -14.14
CA GLN B 136 15.94 21.07 -14.86
C GLN B 136 14.70 21.86 -14.38
N THR B 137 13.53 21.22 -14.38
CA THR B 137 12.28 21.92 -14.05
C THR B 137 11.92 21.94 -12.56
N GLY B 138 12.42 20.97 -11.79
CA GLY B 138 12.08 20.83 -10.37
C GLY B 138 10.80 20.07 -10.16
N ASN B 139 10.23 19.49 -11.22
CA ASN B 139 8.96 18.78 -11.13
C ASN B 139 9.15 17.31 -10.86
N TRP B 140 8.12 16.72 -10.27
CA TRP B 140 8.11 15.32 -10.01
C TRP B 140 7.08 14.68 -10.89
N GLN B 141 7.46 13.54 -11.45
CA GLN B 141 6.56 12.73 -12.23
C GLN B 141 6.79 11.27 -11.88
N ALA B 142 5.73 10.51 -12.02
CA ALA B 142 5.74 9.07 -11.83
C ALA B 142 6.22 8.37 -13.11
N TYR B 143 7.04 7.34 -12.96
CA TYR B 143 7.61 6.63 -14.10
C TYR B 143 7.50 5.11 -14.03
N ASP B 144 7.02 4.56 -12.93
CA ASP B 144 6.83 3.11 -12.78
C ASP B 144 5.82 2.89 -11.66
N MET B 145 5.28 1.68 -11.62
CA MET B 145 4.37 1.23 -10.62
C MET B 145 4.80 -0.19 -10.27
N ILE B 146 4.95 -0.43 -8.97
CA ILE B 146 5.30 -1.72 -8.45
C ILE B 146 4.06 -2.38 -7.83
N ALA B 147 3.66 -3.49 -8.45
CA ALA B 147 2.48 -4.25 -8.06
C ALA B 147 2.99 -5.61 -7.68
N GLU B 148 2.67 -6.02 -6.46
CA GLU B 148 3.00 -7.37 -6.00
C GLU B 148 4.52 -7.48 -5.81
N GLY B 149 5.22 -6.39 -5.49
CA GLY B 149 6.69 -6.42 -5.44
C GLY B 149 7.41 -6.39 -6.80
N VAL B 150 6.65 -6.38 -7.88
CA VAL B 150 7.19 -6.46 -9.21
C VAL B 150 6.93 -5.16 -9.95
N SER B 151 8.00 -4.60 -10.48
CA SER B 151 7.93 -3.46 -11.35
C SER B 151 7.16 -3.71 -12.66
N MET B 152 6.32 -2.76 -13.05
CA MET B 152 5.61 -2.87 -14.32
C MET B 152 6.56 -2.73 -15.51
N ILE B 153 7.59 -1.90 -15.35
N ILE B 153 7.58 -1.87 -15.35
CA ILE B 153 8.59 -1.80 -16.40
CA ILE B 153 8.65 -1.78 -16.33
C ILE B 153 9.32 -3.16 -16.53
C ILE B 153 9.30 -3.14 -16.52
N THR B 154 9.65 -3.80 -15.42
CA THR B 154 10.31 -5.09 -15.49
C THR B 154 9.44 -6.11 -16.19
N THR B 155 8.20 -6.18 -15.75
CA THR B 155 7.18 -7.05 -16.34
C THR B 155 7.11 -6.88 -17.85
N LYS B 156 7.11 -5.64 -18.31
CA LYS B 156 6.94 -5.41 -19.73
C LYS B 156 8.21 -5.69 -20.50
N GLN B 157 9.36 -5.40 -19.89
N GLN B 157 9.35 -5.35 -19.93
CA GLN B 157 10.62 -5.76 -20.54
CA GLN B 157 10.62 -5.71 -20.54
C GLN B 157 10.66 -7.26 -20.79
C GLN B 157 10.67 -7.24 -20.78
N ASN B 158 10.26 -8.03 -19.78
CA ASN B 158 10.26 -9.50 -19.90
C ASN B 158 9.21 -10.01 -20.90
N GLU B 159 8.00 -9.46 -20.90
CA GLU B 159 6.97 -9.88 -21.87
C GLU B 159 7.34 -9.54 -23.31
N TRP B 160 7.92 -8.36 -23.53
CA TRP B 160 8.15 -7.88 -24.90
C TRP B 160 9.58 -8.08 -25.42
N GLY B 161 10.37 -8.80 -24.62
CA GLY B 161 11.78 -9.01 -24.93
C GLY B 161 12.02 -9.79 -26.20
N THR B 162 11.30 -10.89 -26.36
CA THR B 162 11.43 -11.69 -27.56
C THR B 162 10.98 -10.97 -28.83
N LEU B 163 9.86 -10.24 -28.73
CA LEU B 163 9.37 -9.42 -29.82
C LEU B 163 10.40 -8.35 -30.22
N LEU B 164 11.00 -7.65 -29.27
CA LEU B 164 12.02 -6.65 -29.60
C LEU B 164 13.23 -7.30 -30.26
N ARG B 165 13.63 -8.47 -29.76
CA ARG B 165 14.78 -9.19 -30.31
C ARG B 165 14.54 -9.72 -31.74
N THR B 166 13.32 -10.17 -32.04
CA THR B 166 12.99 -10.68 -33.38
C THR B 166 12.48 -9.61 -34.35
N LYS B 167 11.82 -8.58 -33.86
CA LYS B 167 11.24 -7.57 -34.76
C LYS B 167 11.60 -6.11 -34.47
N GLY B 168 12.38 -5.90 -33.43
CA GLY B 168 12.81 -4.56 -33.11
C GLY B 168 11.67 -3.68 -32.64
N ILE B 169 12.01 -2.41 -32.52
CA ILE B 169 11.11 -1.45 -31.98
C ILE B 169 9.88 -1.30 -32.87
N ASP B 170 10.03 -1.45 -34.18
CA ASP B 170 8.85 -1.45 -35.09
C ASP B 170 7.82 -2.53 -34.72
N GLY B 171 8.30 -3.71 -34.35
CA GLY B 171 7.43 -4.80 -33.92
C GLY B 171 6.68 -4.43 -32.67
N LEU B 172 7.39 -3.84 -31.71
CA LEU B 172 6.78 -3.50 -30.45
C LEU B 172 5.73 -2.39 -30.62
N THR B 173 6.09 -1.36 -31.39
CA THR B 173 5.17 -0.29 -31.69
C THR B 173 3.86 -0.80 -32.29
N ALA B 174 3.95 -1.69 -33.26
CA ALA B 174 2.75 -2.27 -33.89
C ALA B 174 1.91 -3.05 -32.88
N GLN B 175 2.59 -3.73 -31.96
CA GLN B 175 1.92 -4.50 -30.93
C GLN B 175 1.19 -3.59 -29.93
N LEU B 176 1.90 -2.54 -29.47
CA LEU B 176 1.31 -1.55 -28.57
C LEU B 176 0.07 -0.90 -29.16
N LYS B 177 0.16 -0.55 -30.44
CA LYS B 177 -0.94 0.03 -31.17
C LYS B 177 -2.13 -0.94 -31.21
N SER B 178 -1.83 -2.18 -31.55
CA SER B 178 -2.83 -3.23 -31.60
C SER B 178 -3.59 -3.36 -30.25
N ILE B 179 -2.84 -3.46 -29.17
CA ILE B 179 -3.43 -3.56 -27.83
C ILE B 179 -4.28 -2.32 -27.48
N SER B 180 -3.74 -1.15 -27.80
CA SER B 180 -4.40 0.10 -27.44
C SER B 180 -5.73 0.27 -28.17
N GLN B 181 -5.95 -0.48 -29.25
CA GLN B 181 -7.21 -0.39 -29.99
C GLN B 181 -8.32 -1.30 -29.47
N GLN B 182 -8.05 -2.11 -28.45
CA GLN B 182 -9.09 -2.93 -27.85
C GLN B 182 -10.04 -2.11 -26.97
N LYS B 183 -11.34 -2.26 -27.18
CA LYS B 183 -12.32 -1.57 -26.38
C LYS B 183 -12.18 -1.97 -24.92
N ILE B 184 -12.16 -0.97 -24.06
N ILE B 184 -12.16 -0.97 -24.04
CA ILE B 184 -12.31 -1.22 -22.62
CA ILE B 184 -12.33 -1.21 -22.61
C ILE B 184 -13.67 -1.89 -22.35
C ILE B 184 -13.66 -1.95 -22.41
N THR B 185 -13.68 -2.92 -21.52
CA THR B 185 -14.94 -3.59 -21.18
C THR B 185 -15.17 -3.48 -19.70
N LEU B 186 -16.46 -3.40 -19.35
CA LEU B 186 -16.91 -3.16 -17.98
C LEU B 186 -17.27 -4.44 -17.24
N GLU B 187 -16.35 -4.84 -16.37
CA GLU B 187 -16.46 -6.06 -15.58
C GLU B 187 -16.43 -5.71 -14.08
BR BR C . -19.15 7.10 20.90
BR BR D . 20.13 -19.15 13.31
BR BR E . 13.93 -1.04 23.52
BR BR F . -20.24 -5.76 20.17
BR BR G . -20.58 12.58 7.92
BR BR H . 1.27 -21.91 18.94
BR BR I . -23.05 11.94 -14.70
BR BR J . -21.08 13.56 -5.10
BR BR K . -16.09 11.27 -4.54
BR BR L . -0.57 5.23 -31.97
C1 GOL M . 4.30 12.28 -22.72
O1 GOL M . 4.40 11.44 -23.90
C2 GOL M . 5.52 13.01 -22.08
O2 GOL M . 5.33 12.99 -20.67
C3 GOL M . 6.93 12.46 -22.24
O3 GOL M . 7.62 12.42 -20.97
#